data_2RA6
#
_entry.id   2RA6
#
_cell.length_a   44.318
_cell.length_b   100.470
_cell.length_c   84.702
_cell.angle_alpha   90.00
_cell.angle_beta   90.02
_cell.angle_gamma   90.00
#
_symmetry.space_group_name_H-M   'P 1 21 1'
#
loop_
_entity.id
_entity.type
_entity.pdbx_description
1 polymer Trichosurin
2 non-polymer 'ZINC ION'
3 non-polymer 'CHLORIDE ION'
4 non-polymer 4-ethylphenol
5 non-polymer 'ISOPROPYL ALCOHOL'
6 water water
#
_entity_poly.entity_id   1
_entity_poly.type   'polypeptide(L)'
_entity_poly.pdbx_seq_one_letter_code
;MLQPECSRSEEDLSDEKERKWEQLSRHWHTVVLASSDRSLIEEEGPFRNFIQNITVESGNLNGFFLTRKNGQCIPLYLTA
FKTEEARQFKLNYYGTNDVYYESSKPNEYAKFIFYNYHDGKVNVVANLFGRTPNLSNEIKKRFEEDFMNRGFRRENILDI
SEVDHC
;
_entity_poly.pdbx_strand_id   A,B,C,D
#
loop_
_chem_comp.id
_chem_comp.type
_chem_comp.name
_chem_comp.formula
CL non-polymer 'CHLORIDE ION' 'Cl -1'
ETY non-polymer 4-ethylphenol 'C8 H10 O'
IPA non-polymer 'ISOPROPYL ALCOHOL' 'C3 H8 O'
ZN non-polymer 'ZINC ION' 'Zn 2'
#
# COMPACT_ATOMS: atom_id res chain seq x y z
N ARG A 26 29.17 -1.26 -20.87
CA ARG A 26 28.43 -0.36 -19.93
C ARG A 26 27.05 0.02 -20.48
N HIS A 27 26.84 -0.27 -21.76
CA HIS A 27 25.59 0.02 -22.47
C HIS A 27 24.42 -0.87 -22.04
N TRP A 28 23.36 -0.26 -21.51
CA TRP A 28 22.19 -1.02 -21.09
C TRP A 28 20.87 -0.32 -21.43
N HIS A 29 19.81 -1.13 -21.49
CA HIS A 29 18.46 -0.68 -21.77
C HIS A 29 17.52 -1.34 -20.77
N THR A 30 16.55 -0.59 -20.27
CA THR A 30 15.57 -1.19 -19.36
C THR A 30 14.55 -1.87 -20.28
N VAL A 31 14.34 -3.18 -20.07
CA VAL A 31 13.43 -3.94 -20.92
C VAL A 31 12.12 -4.30 -20.19
N VAL A 32 12.23 -4.68 -18.92
CA VAL A 32 11.05 -5.02 -18.13
C VAL A 32 11.20 -4.48 -16.72
N LEU A 33 10.10 -3.97 -16.18
CA LEU A 33 10.03 -3.45 -14.82
C LEU A 33 8.89 -4.19 -14.15
N ALA A 34 9.04 -4.49 -12.88
CA ALA A 34 7.98 -5.18 -12.14
C ALA A 34 8.04 -4.69 -10.71
N SER A 35 6.90 -4.57 -10.05
CA SER A 35 6.90 -4.11 -8.67
C SER A 35 5.71 -4.60 -7.89
N SER A 36 5.89 -4.66 -6.57
CA SER A 36 4.82 -5.05 -5.67
C SER A 36 3.80 -3.92 -5.65
N ASP A 37 4.24 -2.71 -5.97
CA ASP A 37 3.38 -1.53 -6.02
C ASP A 37 3.52 -0.97 -7.44
N ARG A 38 2.54 -1.26 -8.29
CA ARG A 38 2.59 -0.81 -9.68
C ARG A 38 2.82 0.68 -9.84
N SER A 39 2.32 1.48 -8.91
CA SER A 39 2.48 2.93 -9.00
C SER A 39 3.95 3.37 -9.00
N LEU A 40 4.81 2.55 -8.41
CA LEU A 40 6.23 2.88 -8.36
C LEU A 40 6.87 2.90 -9.76
N ILE A 41 6.30 2.11 -10.67
CA ILE A 41 6.83 2.02 -12.02
C ILE A 41 5.93 2.60 -13.12
N GLU A 42 4.77 3.13 -12.72
CA GLU A 42 3.85 3.74 -13.68
C GLU A 42 4.38 5.15 -13.94
N GLU A 43 3.74 5.86 -14.85
CA GLU A 43 4.14 7.23 -15.16
C GLU A 43 4.23 8.03 -13.88
N GLU A 44 5.25 8.89 -13.77
CA GLU A 44 5.45 9.72 -12.59
C GLU A 44 5.95 8.90 -11.41
N GLY A 45 6.10 7.59 -11.62
CA GLY A 45 6.56 6.71 -10.57
C GLY A 45 8.04 6.90 -10.27
N PRO A 46 8.44 6.82 -9.00
CA PRO A 46 9.83 6.99 -8.55
C PRO A 46 10.81 6.00 -9.18
N PHE A 47 10.33 4.82 -9.53
CA PHE A 47 11.20 3.81 -10.11
C PHE A 47 11.03 3.59 -11.61
N ARG A 48 10.32 4.51 -12.26
CA ARG A 48 10.15 4.39 -13.70
C ARG A 48 11.31 5.17 -14.30
N ASN A 49 12.47 4.56 -14.21
CA ASN A 49 13.70 5.14 -14.73
C ASN A 49 14.25 4.19 -15.77
N PHE A 50 14.84 4.75 -16.80
CA PHE A 50 15.37 3.97 -17.92
C PHE A 50 16.87 4.05 -17.91
N ILE A 51 17.52 2.91 -17.65
CA ILE A 51 18.97 2.86 -17.60
C ILE A 51 19.57 3.15 -18.97
N GLN A 52 20.72 3.83 -18.95
CA GLN A 52 21.45 4.16 -20.18
C GLN A 52 22.81 3.48 -20.12
N ASN A 53 23.44 3.55 -18.95
CA ASN A 53 24.74 2.90 -18.80
C ASN A 53 25.14 2.76 -17.34
N ILE A 54 26.04 1.80 -17.11
CA ILE A 54 26.53 1.52 -15.78
C ILE A 54 28.04 1.42 -15.84
N THR A 55 28.71 2.17 -14.96
CA THR A 55 30.16 2.13 -14.92
C THR A 55 30.57 1.73 -13.51
N VAL A 56 31.47 0.75 -13.42
CA VAL A 56 31.94 0.29 -12.12
C VAL A 56 33.15 1.11 -11.69
N GLU A 57 33.10 1.65 -10.48
CA GLU A 57 34.19 2.44 -9.93
C GLU A 57 34.40 2.05 -8.48
N SER A 58 35.59 1.53 -8.17
CA SER A 58 35.91 1.12 -6.81
C SER A 58 34.92 0.08 -6.29
N GLY A 59 34.39 -0.73 -7.19
CA GLY A 59 33.44 -1.75 -6.79
C GLY A 59 32.00 -1.26 -6.72
N ASN A 60 31.81 0.05 -6.84
CA ASN A 60 30.47 0.62 -6.81
C ASN A 60 29.90 0.71 -8.21
N LEU A 61 28.57 0.78 -8.32
CA LEU A 61 27.94 0.87 -9.62
C LEU A 61 27.41 2.27 -9.85
N ASN A 62 28.01 2.98 -10.80
CA ASN A 62 27.54 4.32 -11.12
C ASN A 62 26.58 4.22 -12.28
N GLY A 63 25.30 4.45 -12.00
CA GLY A 63 24.31 4.34 -13.04
C GLY A 63 23.80 5.67 -13.56
N PHE A 64 23.61 5.72 -14.87
CA PHE A 64 23.07 6.89 -15.53
C PHE A 64 21.73 6.47 -16.10
N PHE A 65 20.67 7.10 -15.63
CA PHE A 65 19.30 6.82 -16.06
C PHE A 65 18.64 8.05 -16.63
N LEU A 66 17.49 7.83 -17.25
CA LEU A 66 16.66 8.90 -17.78
C LEU A 66 15.32 8.69 -17.11
N THR A 67 14.64 9.79 -16.81
CA THR A 67 13.31 9.72 -16.21
C THR A 67 12.51 10.84 -16.84
N ARG A 68 11.20 10.64 -16.95
CA ARG A 68 10.34 11.66 -17.55
C ARG A 68 9.72 12.60 -16.54
N LYS A 69 9.79 13.90 -16.82
CA LYS A 69 9.22 14.92 -15.95
C LYS A 69 8.82 16.14 -16.77
N ASN A 70 7.58 16.58 -16.57
CA ASN A 70 7.04 17.75 -17.26
C ASN A 70 7.18 17.62 -18.78
N GLY A 71 7.20 16.38 -19.27
CA GLY A 71 7.30 16.16 -20.71
C GLY A 71 8.67 15.88 -21.27
N GLN A 72 9.73 16.23 -20.53
CA GLN A 72 11.07 16.00 -21.03
C GLN A 72 11.85 14.91 -20.28
N CYS A 73 12.84 14.36 -20.96
CA CYS A 73 13.70 13.31 -20.40
C CYS A 73 14.85 13.94 -19.65
N ILE A 74 14.83 13.84 -18.33
CA ILE A 74 15.88 14.42 -17.52
C ILE A 74 16.83 13.36 -16.98
N PRO A 75 18.14 13.65 -16.97
CA PRO A 75 19.16 12.73 -16.47
C PRO A 75 19.03 12.44 -14.98
N LEU A 76 19.38 11.21 -14.59
CA LEU A 76 19.36 10.81 -13.20
C LEU A 76 20.62 9.99 -12.96
N TYR A 77 21.49 10.47 -12.08
CA TYR A 77 22.72 9.77 -11.78
C TYR A 77 22.65 9.23 -10.36
N LEU A 78 22.91 7.94 -10.22
CA LEU A 78 22.87 7.31 -8.90
C LEU A 78 24.09 6.43 -8.75
N THR A 79 24.40 6.06 -7.51
CA THR A 79 25.52 5.20 -7.24
C THR A 79 25.08 4.13 -6.24
N ALA A 80 25.17 2.88 -6.65
CA ALA A 80 24.83 1.77 -5.77
C ALA A 80 26.17 1.35 -5.18
N PHE A 81 26.33 1.53 -3.87
CA PHE A 81 27.58 1.20 -3.20
C PHE A 81 27.72 -0.26 -2.82
N LYS A 82 28.92 -0.80 -2.99
CA LYS A 82 29.19 -2.19 -2.67
C LYS A 82 29.05 -2.44 -1.16
N THR A 83 28.77 -3.70 -0.81
CA THR A 83 28.64 -4.08 0.59
C THR A 83 29.59 -5.23 0.86
N GLU A 84 29.58 -5.75 2.08
CA GLU A 84 30.46 -6.85 2.44
C GLU A 84 30.01 -8.12 1.72
N GLU A 85 28.82 -8.05 1.11
CA GLU A 85 28.26 -9.20 0.41
C GLU A 85 28.36 -9.02 -1.10
N ALA A 86 28.86 -10.05 -1.79
CA ALA A 86 28.99 -9.99 -3.23
C ALA A 86 27.61 -9.83 -3.88
N ARG A 87 27.58 -9.12 -5.00
CA ARG A 87 26.36 -8.87 -5.76
C ARG A 87 25.28 -8.11 -4.99
N GLN A 88 25.60 -7.64 -3.80
CA GLN A 88 24.64 -6.87 -3.02
C GLN A 88 25.15 -5.44 -2.91
N PHE A 89 24.26 -4.48 -3.12
CA PHE A 89 24.64 -3.08 -3.05
C PHE A 89 23.65 -2.30 -2.21
N LYS A 90 24.02 -1.08 -1.88
CA LYS A 90 23.16 -0.21 -1.10
C LYS A 90 22.94 1.06 -1.92
N LEU A 91 21.71 1.52 -1.97
CA LEU A 91 21.37 2.73 -2.73
C LEU A 91 20.45 3.66 -1.96
N ASN A 92 20.80 4.94 -1.95
CA ASN A 92 19.99 5.95 -1.29
C ASN A 92 19.15 6.61 -2.38
N TYR A 93 17.87 6.28 -2.43
CA TYR A 93 16.95 6.83 -3.43
C TYR A 93 15.53 6.49 -3.01
N TYR A 94 14.68 7.51 -2.94
CA TYR A 94 13.29 7.32 -2.51
C TYR A 94 13.34 6.50 -1.24
N GLY A 95 14.22 6.92 -0.33
CA GLY A 95 14.41 6.19 0.92
C GLY A 95 15.72 5.44 0.82
N THR A 96 15.74 4.20 1.29
CA THR A 96 16.94 3.38 1.21
C THR A 96 16.58 2.13 0.44
N ASN A 97 17.60 1.50 -0.17
CA ASN A 97 17.36 0.29 -0.95
C ASN A 97 18.46 -0.74 -0.81
N ASP A 98 18.07 -2.00 -0.67
CA ASP A 98 19.01 -3.10 -0.64
C ASP A 98 18.88 -3.61 -2.07
N VAL A 99 19.98 -3.56 -2.81
CA VAL A 99 19.99 -3.98 -4.22
C VAL A 99 20.74 -5.27 -4.44
N TYR A 100 20.11 -6.19 -5.18
CA TYR A 100 20.73 -7.48 -5.47
C TYR A 100 20.84 -7.69 -6.98
N TYR A 101 22.03 -8.06 -7.44
CA TYR A 101 22.28 -8.32 -8.85
C TYR A 101 22.27 -9.82 -9.12
N GLU A 102 21.70 -10.20 -10.26
CA GLU A 102 21.63 -11.60 -10.67
C GLU A 102 21.69 -11.68 -12.20
N SER A 103 22.29 -12.74 -12.74
CA SER A 103 22.36 -12.97 -14.18
C SER A 103 23.08 -14.25 -14.56
N SER A 104 22.40 -15.10 -15.31
CA SER A 104 23.00 -16.36 -15.76
C SER A 104 23.78 -16.12 -17.04
N LYS A 105 23.52 -14.97 -17.68
CA LYS A 105 24.19 -14.57 -18.92
C LYS A 105 24.56 -13.10 -18.77
N PRO A 106 25.60 -12.80 -17.98
CA PRO A 106 26.11 -11.47 -17.69
C PRO A 106 26.34 -10.51 -18.87
N ASN A 107 26.60 -11.05 -20.06
CA ASN A 107 26.83 -10.18 -21.20
C ASN A 107 25.58 -10.00 -22.06
N GLU A 108 24.50 -10.72 -21.72
CA GLU A 108 23.25 -10.61 -22.45
C GLU A 108 22.20 -9.82 -21.68
N TYR A 109 22.15 -10.01 -20.37
CA TYR A 109 21.16 -9.29 -19.55
C TYR A 109 21.62 -9.12 -18.12
N ALA A 110 20.92 -8.25 -17.41
CA ALA A 110 21.21 -8.01 -16.01
C ALA A 110 19.89 -7.87 -15.30
N LYS A 111 19.81 -8.48 -14.12
CA LYS A 111 18.60 -8.41 -13.33
C LYS A 111 18.99 -7.74 -12.01
N PHE A 112 18.24 -6.70 -11.65
CA PHE A 112 18.49 -6.01 -10.39
C PHE A 112 17.19 -6.01 -9.60
N ILE A 113 17.28 -6.48 -8.37
CA ILE A 113 16.13 -6.53 -7.47
C ILE A 113 16.37 -5.46 -6.42
N PHE A 114 15.41 -4.57 -6.28
CA PHE A 114 15.46 -3.47 -5.34
C PHE A 114 14.46 -3.70 -4.22
N TYR A 115 14.95 -3.69 -2.98
CA TYR A 115 14.05 -3.81 -1.84
C TYR A 115 14.07 -2.37 -1.33
N ASN A 116 12.98 -1.66 -1.56
CA ASN A 116 12.87 -0.27 -1.18
C ASN A 116 12.17 -0.06 0.14
N TYR A 117 12.76 0.80 0.97
CA TYR A 117 12.19 1.12 2.27
C TYR A 117 11.87 2.61 2.23
N HIS A 118 10.58 2.94 2.21
CA HIS A 118 10.14 4.33 2.16
C HIS A 118 9.05 4.55 3.19
N ASP A 119 9.29 5.47 4.12
CA ASP A 119 8.31 5.78 5.16
C ASP A 119 7.88 4.53 5.91
N GLY A 120 8.84 3.65 6.20
CA GLY A 120 8.55 2.43 6.94
C GLY A 120 7.83 1.36 6.13
N LYS A 121 7.63 1.62 4.83
CA LYS A 121 6.96 0.69 3.93
C LYS A 121 7.98 0.00 3.04
N VAL A 122 7.82 -1.31 2.85
CA VAL A 122 8.74 -2.08 2.00
C VAL A 122 8.08 -2.48 0.69
N ASN A 123 8.84 -2.33 -0.40
CA ASN A 123 8.37 -2.73 -1.72
C ASN A 123 9.50 -3.35 -2.47
N VAL A 124 9.17 -4.21 -3.43
CA VAL A 124 10.19 -4.83 -4.25
C VAL A 124 10.02 -4.30 -5.67
N VAL A 125 11.14 -3.92 -6.28
CA VAL A 125 11.12 -3.44 -7.66
C VAL A 125 12.16 -4.28 -8.39
N ALA A 126 11.71 -4.98 -9.43
CA ALA A 126 12.60 -5.83 -10.21
C ALA A 126 12.85 -5.15 -11.55
N ASN A 127 14.11 -5.17 -11.97
CA ASN A 127 14.51 -4.55 -13.24
C ASN A 127 15.22 -5.56 -14.11
N LEU A 128 14.83 -5.63 -15.38
CA LEU A 128 15.48 -6.53 -16.34
C LEU A 128 16.10 -5.65 -17.41
N PHE A 129 17.43 -5.68 -17.50
CA PHE A 129 18.20 -4.87 -18.46
C PHE A 129 18.76 -5.70 -19.59
N GLY A 130 18.76 -5.14 -20.80
CA GLY A 130 19.32 -5.84 -21.94
C GLY A 130 20.36 -4.97 -22.62
N ARG A 131 21.17 -5.56 -23.48
CA ARG A 131 22.18 -4.80 -24.21
C ARG A 131 21.55 -3.93 -25.28
N THR A 132 20.36 -4.34 -25.72
CA THR A 132 19.60 -3.61 -26.73
C THR A 132 18.20 -3.38 -26.14
N PRO A 133 17.32 -2.65 -26.85
CA PRO A 133 15.96 -2.36 -26.37
C PRO A 133 15.05 -3.52 -25.99
N ASN A 134 15.35 -4.72 -26.47
CA ASN A 134 14.50 -5.88 -26.19
C ASN A 134 15.36 -7.08 -25.78
N LEU A 135 14.71 -8.12 -25.26
CA LEU A 135 15.40 -9.34 -24.83
C LEU A 135 14.61 -10.55 -25.32
N SER A 136 15.29 -11.69 -25.42
CA SER A 136 14.65 -12.91 -25.89
C SER A 136 13.40 -13.21 -25.07
N ASN A 137 12.41 -13.82 -25.71
CA ASN A 137 11.18 -14.18 -25.03
C ASN A 137 11.46 -15.14 -23.88
N GLU A 138 12.48 -15.98 -24.02
CA GLU A 138 12.85 -16.94 -23.00
C GLU A 138 13.32 -16.23 -21.73
N ILE A 139 14.17 -15.21 -21.90
CA ILE A 139 14.68 -14.46 -20.77
C ILE A 139 13.55 -13.68 -20.10
N LYS A 140 12.72 -13.02 -20.91
CA LYS A 140 11.62 -12.26 -20.34
C LYS A 140 10.60 -13.16 -19.64
N LYS A 141 10.30 -14.31 -20.23
CA LYS A 141 9.34 -15.22 -19.62
C LYS A 141 9.82 -15.68 -18.25
N ARG A 142 11.09 -16.06 -18.15
CA ARG A 142 11.63 -16.52 -16.87
C ARG A 142 11.55 -15.42 -15.80
N PHE A 143 11.95 -14.21 -16.18
CA PHE A 143 11.93 -13.06 -15.28
C PHE A 143 10.51 -12.81 -14.80
N GLU A 144 9.57 -12.82 -15.74
CA GLU A 144 8.18 -12.55 -15.43
C GLU A 144 7.55 -13.65 -14.56
N GLU A 145 7.81 -14.91 -14.88
CA GLU A 145 7.25 -16.00 -14.10
C GLU A 145 7.85 -16.01 -12.69
N ASP A 146 9.14 -15.68 -12.58
CA ASP A 146 9.78 -15.66 -11.28
C ASP A 146 9.12 -14.61 -10.40
N PHE A 147 8.75 -13.49 -11.00
CA PHE A 147 8.09 -12.41 -10.28
C PHE A 147 6.70 -12.86 -9.84
N MET A 148 5.92 -13.37 -10.79
CA MET A 148 4.57 -13.81 -10.47
C MET A 148 4.51 -14.94 -9.46
N ASN A 149 5.47 -15.85 -9.53
CA ASN A 149 5.50 -16.98 -8.61
C ASN A 149 5.62 -16.58 -7.15
N ARG A 150 6.07 -15.35 -6.90
CA ARG A 150 6.20 -14.86 -5.54
C ARG A 150 4.87 -14.38 -4.97
N GLY A 151 3.85 -14.38 -5.82
CA GLY A 151 2.53 -13.96 -5.39
C GLY A 151 2.08 -12.61 -5.89
N PHE A 152 2.50 -12.24 -7.10
CA PHE A 152 2.13 -10.97 -7.69
C PHE A 152 1.38 -11.17 -9.00
N ARG A 153 0.52 -10.21 -9.32
CA ARG A 153 -0.28 -10.26 -10.54
C ARG A 153 0.48 -9.85 -11.79
N ARG A 154 0.09 -10.40 -12.92
CA ARG A 154 0.72 -10.10 -14.20
C ARG A 154 0.66 -8.60 -14.49
N GLU A 155 -0.40 -7.95 -14.02
CA GLU A 155 -0.59 -6.52 -14.23
C GLU A 155 0.52 -5.67 -13.63
N ASN A 156 1.27 -6.23 -12.68
CA ASN A 156 2.35 -5.49 -12.03
C ASN A 156 3.68 -5.61 -12.76
N ILE A 157 3.63 -6.18 -13.95
CA ILE A 157 4.79 -6.34 -14.81
C ILE A 157 4.59 -5.39 -15.99
N LEU A 158 5.59 -4.56 -16.28
CA LEU A 158 5.49 -3.65 -17.40
C LEU A 158 6.64 -3.91 -18.35
N ASP A 159 6.34 -4.49 -19.50
CA ASP A 159 7.36 -4.75 -20.51
C ASP A 159 7.42 -3.44 -21.28
N ILE A 160 8.47 -2.66 -21.08
CA ILE A 160 8.54 -1.37 -21.78
C ILE A 160 9.24 -1.42 -23.12
N SER A 161 9.67 -2.60 -23.55
CA SER A 161 10.34 -2.72 -24.84
C SER A 161 9.37 -2.34 -25.94
N GLU A 162 8.08 -2.43 -25.62
CA GLU A 162 7.00 -2.13 -26.54
C GLU A 162 6.42 -0.73 -26.31
N VAL A 163 7.19 0.15 -25.67
CA VAL A 163 6.71 1.49 -25.38
C VAL A 163 7.71 2.59 -25.75
N ASP A 164 7.18 3.73 -26.15
CA ASP A 164 8.02 4.88 -26.52
C ASP A 164 8.41 5.61 -25.25
N HIS A 165 9.61 5.34 -24.75
CA HIS A 165 10.09 5.97 -23.54
C HIS A 165 11.43 6.66 -23.76
N CYS A 166 11.98 7.24 -22.71
CA CYS A 166 13.25 7.94 -22.80
C CYS A 166 14.42 7.00 -23.10
N SER B 25 24.15 -24.47 11.13
CA SER B 25 24.23 -25.89 10.70
C SER B 25 23.99 -26.83 11.87
N ARG B 26 23.50 -26.29 12.97
CA ARG B 26 23.23 -27.10 14.16
C ARG B 26 22.40 -26.34 15.22
N HIS B 27 22.96 -26.25 16.42
CA HIS B 27 22.34 -25.61 17.59
C HIS B 27 22.25 -24.08 17.50
N TRP B 28 21.03 -23.54 17.50
CA TRP B 28 20.84 -22.09 17.43
C TRP B 28 19.74 -21.60 18.38
N HIS B 29 19.79 -20.31 18.69
CA HIS B 29 18.81 -19.63 19.54
C HIS B 29 18.42 -18.31 18.87
N THR B 30 17.14 -17.96 18.94
CA THR B 30 16.74 -16.68 18.39
C THR B 30 17.06 -15.65 19.47
N VAL B 31 17.81 -14.62 19.11
CA VAL B 31 18.22 -13.60 20.07
C VAL B 31 17.52 -12.26 19.82
N VAL B 32 17.40 -11.87 18.56
CA VAL B 32 16.73 -10.63 18.20
C VAL B 32 15.85 -10.82 16.97
N LEU B 33 14.68 -10.22 16.99
CA LEU B 33 13.74 -10.26 15.87
C LEU B 33 13.47 -8.80 15.54
N ALA B 34 13.29 -8.50 14.27
CA ALA B 34 13.00 -7.13 13.85
C ALA B 34 12.14 -7.23 12.61
N SER B 35 11.21 -6.31 12.46
CA SER B 35 10.34 -6.37 11.29
C SER B 35 9.75 -5.03 10.94
N SER B 36 9.40 -4.89 9.67
CA SER B 36 8.77 -3.68 9.17
C SER B 36 7.35 -3.61 9.74
N ASP B 37 6.82 -4.76 10.14
CA ASP B 37 5.49 -4.84 10.74
C ASP B 37 5.65 -5.56 12.08
N ARG B 38 5.63 -4.80 13.17
CA ARG B 38 5.82 -5.39 14.49
C ARG B 38 4.84 -6.49 14.86
N SER B 39 3.60 -6.41 14.36
CA SER B 39 2.63 -7.44 14.68
C SER B 39 3.10 -8.82 14.23
N LEU B 40 3.95 -8.85 13.21
CA LEU B 40 4.46 -10.11 12.70
C LEU B 40 5.36 -10.85 13.69
N ILE B 41 6.01 -10.11 14.57
CA ILE B 41 6.91 -10.73 15.55
C ILE B 41 6.47 -10.60 17.00
N GLU B 42 5.30 -10.02 17.22
CA GLU B 42 4.76 -9.89 18.57
C GLU B 42 4.01 -11.17 18.88
N GLU B 43 3.46 -11.27 20.08
CA GLU B 43 2.71 -12.46 20.48
C GLU B 43 1.66 -12.80 19.43
N GLU B 44 1.57 -14.09 19.12
CA GLU B 44 0.62 -14.62 18.14
C GLU B 44 0.98 -14.24 16.70
N GLY B 45 2.14 -13.59 16.53
CA GLY B 45 2.58 -13.20 15.20
C GLY B 45 3.12 -14.37 14.42
N PRO B 46 2.88 -14.43 13.10
CA PRO B 46 3.37 -15.54 12.28
C PRO B 46 4.88 -15.73 12.26
N PHE B 47 5.63 -14.68 12.55
CA PHE B 47 7.08 -14.79 12.54
C PHE B 47 7.73 -14.82 13.92
N ARG B 48 6.91 -14.97 14.95
CA ARG B 48 7.45 -15.05 16.29
C ARG B 48 7.72 -16.53 16.54
N ASN B 49 8.78 -17.01 15.92
CA ASN B 49 9.19 -18.41 16.06
C ASN B 49 10.60 -18.40 16.60
N PHE B 50 10.90 -19.38 17.44
CA PHE B 50 12.20 -19.48 18.08
C PHE B 50 12.96 -20.68 17.54
N ILE B 51 14.05 -20.40 16.82
CA ILE B 51 14.84 -21.45 16.23
C ILE B 51 15.47 -22.35 17.30
N GLN B 52 15.56 -23.64 17.00
CA GLN B 52 16.16 -24.61 17.91
C GLN B 52 17.37 -25.23 17.20
N ASN B 53 17.22 -25.52 15.91
CA ASN B 53 18.31 -26.08 15.16
C ASN B 53 18.12 -26.00 13.65
N ILE B 54 19.23 -26.04 12.93
CA ILE B 54 19.20 -26.00 11.48
C ILE B 54 20.06 -27.14 10.97
N THR B 55 19.50 -27.94 10.08
CA THR B 55 20.24 -29.05 9.50
C THR B 55 20.31 -28.83 8.00
N VAL B 56 21.51 -28.88 7.45
CA VAL B 56 21.71 -28.68 6.02
C VAL B 56 21.63 -30.01 5.28
N GLU B 57 20.73 -30.10 4.31
CA GLU B 57 20.56 -31.32 3.52
C GLU B 57 20.39 -30.96 2.05
N SER B 58 21.25 -31.51 1.20
CA SER B 58 21.18 -31.25 -0.23
C SER B 58 21.22 -29.74 -0.50
N GLY B 59 21.97 -29.02 0.32
CA GLY B 59 22.07 -27.58 0.15
C GLY B 59 20.88 -26.82 0.71
N ASN B 60 19.84 -27.53 1.13
CA ASN B 60 18.66 -26.88 1.69
C ASN B 60 18.79 -26.75 3.21
N LEU B 61 18.07 -25.79 3.78
CA LEU B 61 18.13 -25.59 5.23
C LEU B 61 16.87 -26.11 5.91
N ASN B 62 17.01 -27.16 6.71
CA ASN B 62 15.88 -27.70 7.43
C ASN B 62 15.87 -27.10 8.83
N GLY B 63 14.92 -26.22 9.08
CA GLY B 63 14.85 -25.58 10.38
C GLY B 63 13.78 -26.13 11.30
N PHE B 64 14.12 -26.22 12.58
CA PHE B 64 13.19 -26.67 13.60
C PHE B 64 13.04 -25.51 14.55
N PHE B 65 11.81 -25.00 14.65
CA PHE B 65 11.47 -23.86 15.51
C PHE B 65 10.37 -24.25 16.50
N LEU B 66 10.16 -23.38 17.48
CA LEU B 66 9.09 -23.55 18.45
C LEU B 66 8.25 -22.30 18.32
N THR B 67 6.94 -22.44 18.46
CA THR B 67 6.02 -21.32 18.36
C THR B 67 5.09 -21.44 19.55
N ARG B 68 4.69 -20.31 20.12
CA ARG B 68 3.79 -20.32 21.27
C ARG B 68 2.34 -20.26 20.80
N LYS B 69 1.56 -21.26 21.20
CA LYS B 69 0.14 -21.33 20.83
C LYS B 69 -0.67 -21.85 22.01
N ASN B 70 -1.53 -20.99 22.55
CA ASN B 70 -2.36 -21.35 23.69
C ASN B 70 -1.52 -21.84 24.87
N GLY B 71 -0.53 -21.04 25.24
CA GLY B 71 0.34 -21.39 26.35
C GLY B 71 1.10 -22.69 26.16
N GLN B 72 1.23 -23.12 24.91
CA GLN B 72 1.92 -24.35 24.58
C GLN B 72 3.00 -24.11 23.52
N CYS B 73 4.17 -24.72 23.72
CA CYS B 73 5.27 -24.58 22.77
C CYS B 73 5.16 -25.68 21.72
N ILE B 74 4.61 -25.34 20.56
CA ILE B 74 4.43 -26.31 19.49
C ILE B 74 5.57 -26.28 18.47
N PRO B 75 6.00 -27.47 18.01
CA PRO B 75 7.07 -27.59 17.02
C PRO B 75 6.65 -27.04 15.65
N LEU B 76 7.61 -26.48 14.93
CA LEU B 76 7.40 -25.93 13.61
C LEU B 76 8.60 -26.32 12.76
N TYR B 77 8.37 -27.13 11.75
CA TYR B 77 9.44 -27.57 10.86
C TYR B 77 9.29 -26.92 9.50
N LEU B 78 10.34 -26.27 9.03
CA LEU B 78 10.30 -25.62 7.74
C LEU B 78 11.57 -25.90 6.97
N THR B 79 11.48 -25.83 5.65
CA THR B 79 12.64 -26.05 4.81
C THR B 79 12.81 -24.88 3.86
N ALA B 80 13.99 -24.29 3.89
CA ALA B 80 14.34 -23.17 3.00
C ALA B 80 15.17 -23.82 1.90
N PHE B 81 14.66 -23.82 0.68
CA PHE B 81 15.36 -24.43 -0.44
C PHE B 81 16.39 -23.51 -1.08
N LYS B 82 17.52 -24.08 -1.48
CA LYS B 82 18.58 -23.31 -2.11
C LYS B 82 18.14 -22.81 -3.48
N THR B 83 18.77 -21.73 -3.93
CA THR B 83 18.48 -21.15 -5.23
C THR B 83 19.78 -21.15 -6.02
N GLU B 84 19.74 -20.59 -7.23
CA GLU B 84 20.92 -20.52 -8.08
C GLU B 84 21.96 -19.58 -7.46
N GLU B 85 21.52 -18.76 -6.51
CA GLU B 85 22.39 -17.81 -5.84
C GLU B 85 22.75 -18.28 -4.45
N ALA B 86 24.05 -18.26 -4.14
CA ALA B 86 24.50 -18.67 -2.82
C ALA B 86 23.89 -17.77 -1.76
N ARG B 87 23.74 -18.32 -0.55
CA ARG B 87 23.18 -17.61 0.60
C ARG B 87 21.75 -17.12 0.40
N GLN B 88 21.15 -17.45 -0.72
CA GLN B 88 19.76 -17.06 -0.98
C GLN B 88 18.91 -18.33 -0.99
N PHE B 89 17.78 -18.29 -0.30
CA PHE B 89 16.89 -19.43 -0.21
C PHE B 89 15.45 -19.03 -0.46
N LYS B 90 14.61 -20.01 -0.74
CA LYS B 90 13.19 -19.78 -0.95
C LYS B 90 12.41 -20.56 0.11
N LEU B 91 11.42 -19.91 0.72
CA LEU B 91 10.64 -20.55 1.76
C LEU B 91 9.15 -20.30 1.62
N ASN B 92 8.37 -21.37 1.69
CA ASN B 92 6.91 -21.25 1.61
C ASN B 92 6.39 -21.21 3.04
N TYR B 93 5.99 -20.03 3.48
CA TYR B 93 5.47 -19.82 4.83
C TYR B 93 4.82 -18.45 4.89
N TYR B 94 3.57 -18.41 5.35
CA TYR B 94 2.83 -17.15 5.42
C TYR B 94 2.99 -16.45 4.08
N GLY B 95 2.81 -17.21 3.01
CA GLY B 95 2.98 -16.69 1.67
C GLY B 95 4.29 -17.23 1.15
N THR B 96 5.03 -16.42 0.43
CA THR B 96 6.34 -16.84 -0.09
C THR B 96 7.41 -15.93 0.50
N ASN B 97 8.64 -16.43 0.58
CA ASN B 97 9.72 -15.64 1.15
C ASN B 97 11.05 -15.80 0.41
N ASP B 98 11.75 -14.70 0.24
CA ASP B 98 13.09 -14.76 -0.33
C ASP B 98 13.89 -14.59 0.95
N VAL B 99 14.76 -15.56 1.23
CA VAL B 99 15.56 -15.56 2.46
C VAL B 99 17.03 -15.37 2.16
N TYR B 100 17.66 -14.43 2.85
CA TYR B 100 19.09 -14.19 2.65
C TYR B 100 19.86 -14.40 3.94
N TYR B 101 20.95 -15.14 3.85
CA TYR B 101 21.80 -15.43 4.99
C TYR B 101 23.05 -14.54 4.96
N GLU B 102 23.45 -14.04 6.13
CA GLU B 102 24.64 -13.21 6.26
C GLU B 102 25.29 -13.44 7.62
N SER B 103 26.62 -13.34 7.68
CA SER B 103 27.37 -13.47 8.93
C SER B 103 28.86 -13.28 8.74
N SER B 104 29.43 -12.36 9.50
CA SER B 104 30.85 -12.08 9.45
C SER B 104 31.56 -13.06 10.38
N LYS B 105 30.79 -13.70 11.26
CA LYS B 105 31.31 -14.67 12.21
C LYS B 105 30.33 -15.84 12.23
N PRO B 106 30.36 -16.69 11.18
CA PRO B 106 29.48 -17.85 11.02
C PRO B 106 29.38 -18.85 12.16
N ASN B 107 30.41 -18.93 13.00
CA ASN B 107 30.40 -19.85 14.12
C ASN B 107 29.86 -19.19 15.38
N GLU B 108 29.70 -17.86 15.32
CA GLU B 108 29.21 -17.11 16.47
C GLU B 108 27.75 -16.69 16.33
N TYR B 109 27.35 -16.26 15.13
CA TYR B 109 25.98 -15.83 14.91
C TYR B 109 25.55 -16.04 13.47
N ALA B 110 24.24 -15.96 13.24
CA ALA B 110 23.68 -16.09 11.92
C ALA B 110 22.61 -15.02 11.78
N LYS B 111 22.60 -14.33 10.64
CA LYS B 111 21.60 -13.32 10.37
C LYS B 111 20.79 -13.80 9.17
N PHE B 112 19.48 -13.83 9.33
CA PHE B 112 18.61 -14.24 8.23
C PHE B 112 17.61 -13.12 7.97
N ILE B 113 17.59 -12.65 6.74
CA ILE B 113 16.65 -11.61 6.35
C ILE B 113 15.58 -12.26 5.48
N PHE B 114 14.34 -12.10 5.90
CA PHE B 114 13.19 -12.65 5.17
C PHE B 114 12.45 -11.55 4.47
N TYR B 115 12.27 -11.71 3.16
CA TYR B 115 11.46 -10.77 2.40
C TYR B 115 10.20 -11.58 2.17
N ASN B 116 9.17 -11.27 2.95
CA ASN B 116 7.90 -11.98 2.90
C ASN B 116 6.89 -11.32 1.98
N TYR B 117 6.26 -12.14 1.14
CA TYR B 117 5.24 -11.67 0.21
C TYR B 117 3.95 -12.32 0.67
N HIS B 118 3.07 -11.51 1.24
CA HIS B 118 1.78 -11.98 1.76
C HIS B 118 0.65 -11.13 1.19
N ASP B 119 -0.26 -11.77 0.47
CA ASP B 119 -1.40 -11.08 -0.13
C ASP B 119 -0.96 -9.85 -0.91
N GLY B 120 0.11 -9.99 -1.68
CA GLY B 120 0.61 -8.89 -2.49
C GLY B 120 1.37 -7.81 -1.76
N LYS B 121 1.57 -7.98 -0.46
CA LYS B 121 2.30 -7.01 0.35
C LYS B 121 3.66 -7.55 0.74
N VAL B 122 4.66 -6.66 0.76
CA VAL B 122 6.01 -7.07 1.12
C VAL B 122 6.37 -6.60 2.51
N ASN B 123 6.99 -7.48 3.28
CA ASN B 123 7.45 -7.12 4.61
C ASN B 123 8.82 -7.72 4.79
N VAL B 124 9.59 -7.11 5.69
CA VAL B 124 10.91 -7.63 5.96
C VAL B 124 10.94 -8.07 7.41
N VAL B 125 11.49 -9.25 7.63
CA VAL B 125 11.64 -9.78 8.98
C VAL B 125 13.11 -10.18 9.07
N ALA B 126 13.80 -9.60 10.04
CA ALA B 126 15.21 -9.91 10.24
C ALA B 126 15.36 -10.73 11.50
N ASN B 127 16.17 -11.78 11.42
CA ASN B 127 16.39 -12.67 12.55
C ASN B 127 17.87 -12.73 12.89
N LEU B 128 18.19 -12.60 14.17
CA LEU B 128 19.59 -12.71 14.62
C LEU B 128 19.65 -13.93 15.54
N PHE B 129 20.43 -14.94 15.12
CA PHE B 129 20.59 -16.17 15.89
C PHE B 129 21.96 -16.26 16.54
N GLY B 130 21.98 -16.86 17.72
CA GLY B 130 23.23 -17.05 18.44
C GLY B 130 23.39 -18.51 18.82
N ARG B 131 24.63 -18.91 19.14
CA ARG B 131 24.89 -20.28 19.56
C ARG B 131 24.31 -20.54 20.93
N THR B 132 24.12 -19.47 21.70
CA THR B 132 23.55 -19.54 23.03
C THR B 132 22.40 -18.52 23.08
N PRO B 133 21.66 -18.48 24.19
CA PRO B 133 20.53 -17.56 24.35
C PRO B 133 20.75 -16.07 24.14
N ASN B 134 22.00 -15.62 24.23
CA ASN B 134 22.28 -14.20 24.05
C ASN B 134 23.50 -14.00 23.15
N LEU B 135 23.73 -12.76 22.73
CA LEU B 135 24.86 -12.42 21.88
C LEU B 135 25.53 -11.15 22.39
N SER B 136 26.78 -10.93 21.98
CA SER B 136 27.53 -9.77 22.41
C SER B 136 26.77 -8.48 22.08
N ASN B 137 26.95 -7.48 22.93
CA ASN B 137 26.31 -6.19 22.74
C ASN B 137 26.75 -5.60 21.40
N GLU B 138 27.99 -5.85 21.03
CA GLU B 138 28.53 -5.35 19.76
C GLU B 138 27.74 -5.89 18.58
N ILE B 139 27.55 -7.21 18.57
CA ILE B 139 26.80 -7.86 17.48
C ILE B 139 25.36 -7.38 17.45
N LYS B 140 24.72 -7.33 18.62
CA LYS B 140 23.33 -6.88 18.66
C LYS B 140 23.19 -5.42 18.23
N LYS B 141 24.14 -4.58 18.65
CA LYS B 141 24.12 -3.17 18.30
C LYS B 141 24.20 -2.96 16.80
N ARG B 142 25.09 -3.69 16.14
CA ARG B 142 25.25 -3.57 14.70
C ARG B 142 23.99 -4.02 13.97
N PHE B 143 23.43 -5.15 14.42
CA PHE B 143 22.21 -5.68 13.82
C PHE B 143 21.07 -4.67 13.94
N GLU B 144 20.89 -4.15 15.14
CA GLU B 144 19.84 -3.17 15.42
C GLU B 144 20.02 -1.86 14.65
N GLU B 145 21.25 -1.37 14.58
CA GLU B 145 21.52 -0.12 13.86
C GLU B 145 21.30 -0.32 12.36
N ASP B 146 21.70 -1.48 11.84
CA ASP B 146 21.53 -1.72 10.41
C ASP B 146 20.04 -1.71 10.08
N PHE B 147 19.23 -2.23 11.00
CA PHE B 147 17.79 -2.26 10.79
C PHE B 147 17.24 -0.83 10.82
N MET B 148 17.58 -0.07 11.86
CA MET B 148 17.09 1.30 11.97
C MET B 148 17.59 2.22 10.87
N ASN B 149 18.79 1.95 10.37
CA ASN B 149 19.36 2.78 9.31
C ASN B 149 18.57 2.69 8.01
N ARG B 150 17.76 1.66 7.89
CA ARG B 150 16.95 1.50 6.69
C ARG B 150 15.65 2.26 6.79
N GLY B 151 15.44 2.93 7.92
CA GLY B 151 14.24 3.72 8.11
C GLY B 151 13.18 3.16 9.03
N PHE B 152 13.59 2.32 9.97
CA PHE B 152 12.64 1.73 10.91
C PHE B 152 12.88 2.20 12.34
N ARG B 153 11.83 2.19 13.14
CA ARG B 153 11.90 2.63 14.53
C ARG B 153 12.47 1.55 15.45
N ARG B 154 13.10 1.99 16.53
CA ARG B 154 13.70 1.09 17.52
C ARG B 154 12.65 0.17 18.12
N GLU B 155 11.40 0.65 18.18
CA GLU B 155 10.30 -0.13 18.74
C GLU B 155 9.98 -1.38 17.93
N ASN B 156 10.45 -1.43 16.68
CA ASN B 156 10.19 -2.58 15.81
C ASN B 156 11.24 -3.66 15.97
N ILE B 157 12.11 -3.50 16.96
CA ILE B 157 13.16 -4.47 17.25
C ILE B 157 12.80 -5.12 18.58
N LEU B 158 12.82 -6.44 18.62
CA LEU B 158 12.51 -7.15 19.85
C LEU B 158 13.68 -8.04 20.24
N ASP B 159 14.37 -7.67 21.31
CA ASP B 159 15.50 -8.46 21.80
C ASP B 159 14.84 -9.46 22.73
N ILE B 160 14.74 -10.72 22.31
CA ILE B 160 14.08 -11.70 23.17
C ILE B 160 15.01 -12.45 24.10
N SER B 161 16.28 -12.06 24.13
CA SER B 161 17.24 -12.71 25.02
C SER B 161 16.86 -12.36 26.46
N GLU B 162 16.08 -11.29 26.60
CA GLU B 162 15.66 -10.81 27.90
C GLU B 162 14.22 -11.18 28.27
N VAL B 163 13.67 -12.18 27.58
CA VAL B 163 12.30 -12.60 27.85
C VAL B 163 12.21 -14.13 27.90
N ASP B 164 11.28 -14.64 28.70
CA ASP B 164 11.09 -16.08 28.82
C ASP B 164 10.25 -16.57 27.64
N HIS B 165 10.88 -17.32 26.75
CA HIS B 165 10.18 -17.83 25.57
C HIS B 165 10.50 -19.30 25.36
N CYS B 166 9.80 -19.93 24.43
CA CYS B 166 10.01 -21.35 24.13
C CYS B 166 11.45 -21.64 23.72
N LEU C 24 -24.00 14.12 18.81
CA LEU C 24 -22.59 13.73 18.74
C LEU C 24 -21.77 14.42 19.84
N SER C 25 -22.25 15.57 20.28
CA SER C 25 -21.56 16.35 21.31
C SER C 25 -21.65 15.69 22.68
N ARG C 26 -20.84 14.67 22.91
CA ARG C 26 -20.85 13.96 24.18
C ARG C 26 -19.72 12.94 24.35
N HIS C 27 -19.98 12.01 25.27
CA HIS C 27 -19.10 10.91 25.68
C HIS C 27 -19.06 9.75 24.67
N TRP C 28 -17.86 9.40 24.18
CA TRP C 28 -17.74 8.30 23.22
C TRP C 28 -16.54 7.40 23.48
N HIS C 29 -16.60 6.17 22.96
CA HIS C 29 -15.55 5.18 23.07
C HIS C 29 -15.32 4.57 21.69
N THR C 30 -14.06 4.31 21.35
CA THR C 30 -13.79 3.66 20.08
C THR C 30 -14.01 2.17 20.34
N VAL C 31 -14.87 1.54 19.55
CA VAL C 31 -15.17 0.12 19.74
C VAL C 31 -14.58 -0.76 18.64
N VAL C 32 -14.66 -0.29 17.40
CA VAL C 32 -14.10 -1.05 16.28
C VAL C 32 -13.42 -0.10 15.31
N LEU C 33 -12.28 -0.55 14.78
CA LEU C 33 -11.51 0.20 13.80
C LEU C 33 -11.34 -0.75 12.65
N ALA C 34 -11.34 -0.23 11.43
CA ALA C 34 -11.13 -1.06 10.25
C ALA C 34 -10.46 -0.20 9.21
N SER C 35 -9.59 -0.79 8.41
CA SER C 35 -8.90 -0.01 7.39
C SER C 35 -8.42 -0.84 6.23
N SER C 36 -8.27 -0.16 5.10
CA SER C 36 -7.76 -0.81 3.89
C SER C 36 -6.29 -1.14 4.12
N ASP C 37 -5.64 -0.39 5.01
CA ASP C 37 -4.23 -0.60 5.36
C ASP C 37 -4.22 -0.86 6.86
N ARG C 38 -4.12 -2.13 7.24
CA ARG C 38 -4.13 -2.50 8.65
C ARG C 38 -3.07 -1.75 9.48
N SER C 39 -1.94 -1.41 8.86
CA SER C 39 -0.89 -0.72 9.59
C SER C 39 -1.34 0.64 10.14
N LEU C 40 -2.32 1.26 9.50
CA LEU C 40 -2.81 2.56 9.96
C LEU C 40 -3.49 2.45 11.31
N ILE C 41 -4.02 1.28 11.64
CA ILE C 41 -4.72 1.11 12.91
C ILE C 41 -4.03 0.17 13.88
N GLU C 42 -2.87 -0.36 13.50
CA GLU C 42 -2.11 -1.24 14.38
C GLU C 42 -1.33 -0.33 15.33
N GLU C 43 -0.60 -0.94 16.26
CA GLU C 43 0.19 -0.18 17.21
C GLU C 43 1.09 0.81 16.46
N GLU C 44 1.22 2.02 16.99
CA GLU C 44 2.04 3.07 16.39
C GLU C 44 1.42 3.59 15.10
N GLY C 45 0.23 3.10 14.76
CA GLY C 45 -0.45 3.54 13.56
C GLY C 45 -1.05 4.92 13.73
N PRO C 46 -1.03 5.75 12.67
CA PRO C 46 -1.55 7.11 12.66
C PRO C 46 -3.03 7.22 13.04
N PHE C 47 -3.79 6.17 12.74
CA PHE C 47 -5.23 6.19 13.03
C PHE C 47 -5.64 5.33 14.20
N ARG C 48 -4.68 4.88 14.98
CA ARG C 48 -5.02 4.08 16.15
C ARG C 48 -5.18 5.08 17.29
N ASN C 49 -6.29 5.81 17.22
CA ASN C 49 -6.62 6.82 18.21
C ASN C 49 -7.93 6.41 18.85
N PHE C 50 -8.04 6.66 20.15
CA PHE C 50 -9.23 6.29 20.90
C PHE C 50 -10.00 7.54 21.30
N ILE C 51 -11.19 7.69 20.74
CA ILE C 51 -12.02 8.85 21.02
C ILE C 51 -12.43 8.89 22.49
N GLN C 52 -12.52 10.10 23.03
CA GLN C 52 -12.95 10.29 24.42
C GLN C 52 -14.22 11.13 24.41
N ASN C 53 -14.26 12.15 23.57
CA ASN C 53 -15.44 12.98 23.47
C ASN C 53 -15.45 13.85 22.23
N ILE C 54 -16.63 14.28 21.84
CA ILE C 54 -16.80 15.13 20.68
C ILE C 54 -17.66 16.30 21.08
N THR C 55 -17.20 17.50 20.75
CA THR C 55 -17.94 18.70 21.05
C THR C 55 -18.24 19.41 19.74
N VAL C 56 -19.50 19.76 19.53
CA VAL C 56 -19.89 20.43 18.30
C VAL C 56 -19.86 21.94 18.51
N GLU C 57 -19.09 22.64 17.67
CA GLU C 57 -18.96 24.08 17.74
C GLU C 57 -19.02 24.68 16.34
N SER C 58 -19.99 25.56 16.12
CA SER C 58 -20.15 26.21 14.82
C SER C 58 -20.29 25.17 13.71
N GLY C 59 -20.89 24.04 14.05
CA GLY C 59 -21.08 22.99 13.05
C GLY C 59 -19.87 22.10 12.88
N ASN C 60 -18.76 22.47 13.51
CA ASN C 60 -17.53 21.69 13.41
C ASN C 60 -17.47 20.68 14.54
N LEU C 61 -16.74 19.60 14.34
CA LEU C 61 -16.62 18.57 15.36
C LEU C 61 -15.26 18.62 16.04
N ASN C 62 -15.24 19.02 17.31
CA ASN C 62 -14.00 19.08 18.05
C ASN C 62 -13.83 17.76 18.78
N GLY C 63 -12.89 16.96 18.32
CA GLY C 63 -12.67 15.67 18.94
C GLY C 63 -11.47 15.60 19.84
N PHE C 64 -11.63 14.89 20.95
CA PHE C 64 -10.55 14.68 21.90
C PHE C 64 -10.30 13.18 21.90
N PHE C 65 -9.09 12.81 21.50
CA PHE C 65 -8.67 11.41 21.42
C PHE C 65 -7.44 11.17 22.29
N LEU C 66 -7.13 9.89 22.47
CA LEU C 66 -5.93 9.47 23.17
C LEU C 66 -5.18 8.58 22.20
N THR C 67 -3.86 8.64 22.23
CA THR C 67 -3.04 7.81 21.36
C THR C 67 -1.85 7.35 22.19
N ARG C 68 -1.37 6.15 21.91
CA ARG C 68 -0.24 5.60 22.65
C ARG C 68 1.10 6.03 22.04
N LYS C 69 2.00 6.50 22.89
CA LYS C 69 3.32 6.94 22.46
C LYS C 69 4.33 6.76 23.58
N ASN C 70 5.39 5.99 23.32
CA ASN C 70 6.42 5.73 24.30
C ASN C 70 5.86 5.09 25.56
N GLY C 71 4.73 4.38 25.39
CA GLY C 71 4.10 3.73 26.53
C GLY C 71 3.15 4.61 27.31
N GLN C 72 3.03 5.87 26.89
CA GLN C 72 2.14 6.81 27.57
C GLN C 72 0.95 7.19 26.69
N CYS C 73 -0.18 7.47 27.32
CA CYS C 73 -1.39 7.86 26.61
C CYS C 73 -1.42 9.37 26.47
N ILE C 74 -1.05 9.88 25.30
CA ILE C 74 -1.02 11.32 25.07
C ILE C 74 -2.29 11.83 24.39
N PRO C 75 -2.76 13.00 24.80
CA PRO C 75 -3.96 13.63 24.24
C PRO C 75 -3.75 14.07 22.79
N LEU C 76 -4.83 13.98 22.02
CA LEU C 76 -4.82 14.38 20.62
C LEU C 76 -6.12 15.14 20.36
N TYR C 77 -6.00 16.42 20.02
CA TYR C 77 -7.18 17.22 19.75
C TYR C 77 -7.23 17.55 18.26
N LEU C 78 -8.36 17.23 17.64
CA LEU C 78 -8.53 17.50 16.22
C LEU C 78 -9.88 18.16 15.99
N THR C 79 -10.02 18.82 14.85
CA THR C 79 -11.26 19.46 14.51
C THR C 79 -11.65 19.11 13.09
N ALA C 80 -12.81 18.48 12.93
CA ALA C 80 -13.31 18.12 11.60
C ALA C 80 -14.24 19.26 11.25
N PHE C 81 -13.88 20.02 10.22
CA PHE C 81 -14.69 21.16 9.81
C PHE C 81 -15.84 20.80 8.89
N LYS C 82 -16.99 21.45 9.10
CA LYS C 82 -18.17 21.18 8.29
C LYS C 82 -17.95 21.61 6.83
N THR C 83 -18.74 21.05 5.94
CA THR C 83 -18.66 21.38 4.52
C THR C 83 -20.05 21.72 4.00
N GLU C 84 -20.14 21.94 2.69
CA GLU C 84 -21.41 22.27 2.05
C GLU C 84 -22.37 21.09 2.14
N GLU C 85 -21.79 19.89 2.18
CA GLU C 85 -22.58 18.66 2.24
C GLU C 85 -22.81 18.25 3.69
N ALA C 86 -24.06 17.89 4.01
CA ALA C 86 -24.39 17.47 5.36
C ALA C 86 -23.65 16.17 5.68
N ARG C 87 -23.38 15.97 6.97
CA ARG C 87 -22.68 14.78 7.46
C ARG C 87 -21.29 14.56 6.87
N GLN C 88 -20.80 15.53 6.12
CA GLN C 88 -19.46 15.42 5.54
C GLN C 88 -18.58 16.48 6.16
N PHE C 89 -17.36 16.10 6.52
CA PHE C 89 -16.42 17.04 7.13
C PHE C 89 -15.05 16.92 6.51
N LYS C 90 -14.18 17.88 6.81
CA LYS C 90 -12.82 17.88 6.31
C LYS C 90 -11.89 17.91 7.51
N LEU C 91 -10.85 17.10 7.47
CA LEU C 91 -9.89 17.01 8.57
C LEU C 91 -8.46 17.00 8.07
N ASN C 92 -7.61 17.84 8.67
CA ASN C 92 -6.21 17.87 8.31
C ASN C 92 -5.51 17.03 9.36
N TYR C 93 -5.07 15.83 8.97
CA TYR C 93 -4.37 14.90 9.85
C TYR C 93 -3.76 13.81 8.99
N TYR C 94 -2.45 13.57 9.14
CA TYR C 94 -1.74 12.56 8.36
C TYR C 94 -2.14 12.80 6.91
N GLY C 95 -2.03 14.07 6.48
CA GLY C 95 -2.42 14.43 5.13
C GLY C 95 -3.76 15.13 5.23
N THR C 96 -4.68 14.79 4.33
CA THR C 96 -6.00 15.39 4.34
C THR C 96 -7.03 14.26 4.37
N ASN C 97 -8.22 14.53 4.88
CA ASN C 97 -9.26 13.50 4.96
C ASN C 97 -10.65 14.02 4.66
N ASP C 98 -11.42 13.21 3.94
CA ASP C 98 -12.82 13.51 3.69
C ASP C 98 -13.49 12.58 4.69
N VAL C 99 -14.20 13.18 5.64
CA VAL C 99 -14.86 12.40 6.70
C VAL C 99 -16.37 12.36 6.52
N TYR C 100 -16.94 11.17 6.63
CA TYR C 100 -18.37 10.98 6.48
C TYR C 100 -18.97 10.35 7.74
N TYR C 101 -20.02 10.97 8.26
CA TYR C 101 -20.70 10.47 9.44
C TYR C 101 -21.95 9.69 9.06
N GLU C 102 -22.22 8.59 9.76
CA GLU C 102 -23.40 7.76 9.53
C GLU C 102 -23.88 7.13 10.84
N SER C 103 -25.20 6.97 10.99
CA SER C 103 -25.76 6.32 12.17
C SER C 103 -27.27 6.18 12.11
N SER C 104 -27.76 4.95 12.29
CA SER C 104 -29.18 4.69 12.28
C SER C 104 -29.73 4.88 13.70
N LYS C 105 -28.82 4.94 14.67
CA LYS C 105 -29.18 5.15 16.08
C LYS C 105 -28.15 6.11 16.65
N PRO C 106 -28.28 7.41 16.33
CA PRO C 106 -27.38 8.48 16.78
C PRO C 106 -27.07 8.55 18.26
N ASN C 107 -27.95 8.01 19.09
CA ASN C 107 -27.74 8.04 20.53
C ASN C 107 -27.03 6.79 21.05
N GLU C 108 -26.96 5.75 20.22
CA GLU C 108 -26.32 4.51 20.61
C GLU C 108 -24.92 4.34 20.01
N TYR C 109 -24.74 4.78 18.77
CA TYR C 109 -23.44 4.64 18.12
C TYR C 109 -23.21 5.69 17.05
N ALA C 110 -21.97 5.79 16.61
CA ALA C 110 -21.59 6.72 15.57
C ALA C 110 -20.58 6.01 14.69
N LYS C 111 -20.75 6.18 13.38
CA LYS C 111 -19.83 5.58 12.44
C LYS C 111 -19.19 6.72 11.66
N PHE C 112 -17.87 6.73 11.63
CA PHE C 112 -17.14 7.74 10.88
C PHE C 112 -16.23 7.05 9.88
N ILE C 113 -16.40 7.41 8.62
CA ILE C 113 -15.57 6.86 7.55
C ILE C 113 -14.61 7.97 7.12
N PHE C 114 -13.32 7.64 7.16
CA PHE C 114 -12.27 8.57 6.78
C PHE C 114 -11.65 8.14 5.47
N TYR C 115 -11.60 9.05 4.51
CA TYR C 115 -10.93 8.75 3.25
C TYR C 115 -9.67 9.59 3.40
N ASN C 116 -8.56 8.92 3.67
CA ASN C 116 -7.29 9.58 3.90
C ASN C 116 -6.43 9.67 2.66
N TYR C 117 -5.87 10.85 2.43
CA TYR C 117 -4.99 11.08 1.30
C TYR C 117 -3.63 11.46 1.89
N HIS C 118 -2.67 10.55 1.76
CA HIS C 118 -1.33 10.77 2.28
C HIS C 118 -0.30 10.43 1.22
N ASP C 119 0.50 11.41 0.83
CA ASP C 119 1.54 11.20 -0.18
C ASP C 119 0.99 10.63 -1.48
N GLY C 120 -0.20 11.10 -1.87
CA GLY C 120 -0.82 10.65 -3.10
C GLY C 120 -1.47 9.28 -2.99
N LYS C 121 -1.46 8.71 -1.78
CA LYS C 121 -2.05 7.39 -1.53
C LYS C 121 -3.38 7.53 -0.80
N VAL C 122 -4.39 6.79 -1.26
CA VAL C 122 -5.72 6.84 -0.64
C VAL C 122 -5.99 5.59 0.19
N ASN C 123 -6.56 5.79 1.38
CA ASN C 123 -6.93 4.68 2.24
C ASN C 123 -8.23 5.02 2.92
N VAL C 124 -8.96 3.98 3.32
CA VAL C 124 -10.20 4.20 4.03
C VAL C 124 -10.02 3.69 5.45
N VAL C 125 -10.48 4.48 6.41
CA VAL C 125 -10.41 4.08 7.81
C VAL C 125 -11.83 4.25 8.32
N ALA C 126 -12.39 3.18 8.84
CA ALA C 126 -13.75 3.20 9.38
C ALA C 126 -13.66 3.12 10.89
N ASN C 127 -14.44 3.94 11.56
CA ASN C 127 -14.46 3.99 13.01
C ASN C 127 -15.88 3.76 13.53
N LEU C 128 -16.03 2.86 14.50
CA LEU C 128 -17.34 2.61 15.11
C LEU C 128 -17.23 3.05 16.57
N PHE C 129 -18.01 4.04 16.95
CA PHE C 129 -18.00 4.58 18.32
C PHE C 129 -19.25 4.21 19.10
N GLY C 130 -19.07 3.92 20.39
CA GLY C 130 -20.21 3.59 21.24
C GLY C 130 -20.24 4.51 22.44
N ARG C 131 -21.37 4.53 23.15
CA ARG C 131 -21.50 5.36 24.34
C ARG C 131 -20.71 4.78 25.49
N THR C 132 -20.48 3.46 25.42
CA THR C 132 -19.72 2.75 26.44
C THR C 132 -18.62 1.97 25.68
N PRO C 133 -17.72 1.28 26.40
CA PRO C 133 -16.62 0.52 25.78
C PRO C 133 -16.97 -0.54 24.74
N ASN C 134 -18.22 -1.01 24.74
CA ASN C 134 -18.62 -2.04 23.79
C ASN C 134 -19.94 -1.69 23.12
N LEU C 135 -20.29 -2.44 22.07
CA LEU C 135 -21.53 -2.25 21.34
C LEU C 135 -22.19 -3.60 21.07
N SER C 136 -23.49 -3.58 20.83
CA SER C 136 -24.24 -4.80 20.57
C SER C 136 -23.61 -5.57 19.42
N ASN C 137 -23.70 -6.89 19.49
CA ASN C 137 -23.15 -7.75 18.46
C ASN C 137 -23.81 -7.45 17.11
N GLU C 138 -25.08 -7.06 17.14
CA GLU C 138 -25.79 -6.76 15.91
C GLU C 138 -25.19 -5.53 15.23
N ILE C 139 -24.87 -4.50 16.01
CA ILE C 139 -24.28 -3.29 15.45
C ILE C 139 -22.88 -3.58 14.93
N LYS C 140 -22.09 -4.31 15.71
CA LYS C 140 -20.74 -4.63 15.29
C LYS C 140 -20.73 -5.52 14.04
N LYS C 141 -21.62 -6.51 14.00
CA LYS C 141 -21.69 -7.41 12.86
C LYS C 141 -21.99 -6.64 11.57
N ARG C 142 -22.97 -5.74 11.63
CA ARG C 142 -23.34 -4.95 10.45
C ARG C 142 -22.16 -4.10 9.98
N PHE C 143 -21.49 -3.44 10.91
CA PHE C 143 -20.35 -2.58 10.61
C PHE C 143 -19.24 -3.40 9.94
N GLU C 144 -18.96 -4.55 10.52
CA GLU C 144 -17.92 -5.43 10.03
C GLU C 144 -18.25 -6.03 8.66
N GLU C 145 -19.49 -6.49 8.48
CA GLU C 145 -19.85 -7.06 7.19
C GLU C 145 -19.87 -6.00 6.09
N ASP C 146 -20.25 -4.78 6.44
CA ASP C 146 -20.28 -3.70 5.45
C ASP C 146 -18.86 -3.41 4.99
N PHE C 147 -17.92 -3.51 5.90
CA PHE C 147 -16.52 -3.28 5.57
C PHE C 147 -16.01 -4.39 4.67
N MET C 148 -16.21 -5.63 5.10
CA MET C 148 -15.73 -6.77 4.31
C MET C 148 -16.39 -6.87 2.94
N ASN C 149 -17.66 -6.50 2.87
CA ASN C 149 -18.41 -6.55 1.61
C ASN C 149 -17.82 -5.66 0.54
N ARG C 150 -17.01 -4.69 0.93
CA ARG C 150 -16.40 -3.80 -0.04
C ARG C 150 -15.15 -4.41 -0.65
N GLY C 151 -14.77 -5.58 -0.14
CA GLY C 151 -13.61 -6.27 -0.66
C GLY C 151 -12.40 -6.28 0.24
N PHE C 152 -12.62 -6.31 1.56
CA PHE C 152 -11.50 -6.34 2.50
C PHE C 152 -11.58 -7.57 3.39
N ARG C 153 -10.42 -8.01 3.85
CA ARG C 153 -10.33 -9.19 4.71
C ARG C 153 -10.70 -8.91 6.15
N ARG C 154 -11.18 -9.94 6.83
CA ARG C 154 -11.58 -9.82 8.23
C ARG C 154 -10.41 -9.37 9.11
N GLU C 155 -9.19 -9.74 8.73
CA GLU C 155 -8.02 -9.36 9.51
C GLU C 155 -7.80 -7.85 9.58
N ASN C 156 -8.41 -7.11 8.67
CA ASN C 156 -8.27 -5.66 8.65
C ASN C 156 -9.26 -4.94 9.56
N ILE C 157 -9.95 -5.74 10.38
CA ILE C 157 -10.91 -5.22 11.35
C ILE C 157 -10.32 -5.49 12.72
N LEU C 158 -10.29 -4.46 13.56
CA LEU C 158 -9.76 -4.63 14.91
C LEU C 158 -10.84 -4.22 15.91
N ASP C 159 -11.39 -5.21 16.63
CA ASP C 159 -12.40 -4.93 17.63
C ASP C 159 -11.63 -4.52 18.89
N ILE C 160 -11.68 -3.23 19.18
CA ILE C 160 -10.98 -2.62 20.32
C ILE C 160 -11.59 -2.90 21.69
N SER C 161 -12.89 -3.21 21.73
CA SER C 161 -13.57 -3.48 22.98
C SER C 161 -12.90 -4.59 23.78
N GLU C 162 -12.32 -5.54 23.07
CA GLU C 162 -11.66 -6.69 23.68
C GLU C 162 -10.16 -6.50 23.84
N VAL C 163 -9.72 -5.25 24.01
CA VAL C 163 -8.31 -4.96 24.15
C VAL C 163 -8.07 -3.89 25.21
N ASP C 164 -6.95 -4.01 25.93
CA ASP C 164 -6.60 -3.04 26.95
C ASP C 164 -5.92 -1.86 26.25
N HIS C 165 -6.63 -0.75 26.13
CA HIS C 165 -6.10 0.43 25.46
C HIS C 165 -6.33 1.69 26.30
N CYS C 166 -5.84 2.82 25.79
CA CYS C 166 -5.98 4.09 26.48
C CYS C 166 -7.44 4.49 26.65
N LEU D 24 -30.73 14.73 -12.18
CA LEU D 24 -29.69 13.92 -12.80
C LEU D 24 -30.20 13.14 -13.99
N SER D 25 -31.48 12.78 -13.96
CA SER D 25 -32.11 12.02 -15.02
C SER D 25 -32.18 12.78 -16.34
N ARG D 26 -31.05 12.84 -17.05
CA ARG D 26 -31.00 13.55 -18.32
C ARG D 26 -29.69 13.36 -19.09
N HIS D 27 -29.47 14.28 -20.02
CA HIS D 27 -28.32 14.35 -20.93
C HIS D 27 -27.06 14.90 -20.25
N TRP D 28 -25.96 14.15 -20.32
CA TRP D 28 -24.70 14.58 -19.70
C TRP D 28 -23.48 14.32 -20.58
N HIS D 29 -22.40 15.04 -20.28
CA HIS D 29 -21.12 14.91 -20.97
C HIS D 29 -20.01 14.87 -19.93
N THR D 30 -19.02 14.02 -20.15
CA THR D 30 -17.89 14.00 -19.22
C THR D 30 -16.99 15.15 -19.66
N VAL D 31 -16.67 16.04 -18.72
CA VAL D 31 -15.84 17.21 -19.03
C VAL D 31 -14.44 17.12 -18.43
N VAL D 32 -14.36 16.62 -17.19
CA VAL D 32 -13.07 16.47 -16.53
C VAL D 32 -13.05 15.18 -15.72
N LEU D 33 -11.91 14.49 -15.77
CA LEU D 33 -11.69 13.27 -15.02
C LEU D 33 -10.46 13.52 -14.19
N ALA D 34 -10.41 12.97 -13.00
CA ALA D 34 -9.25 13.13 -12.13
C ALA D 34 -9.16 11.87 -11.29
N SER D 35 -7.94 11.44 -11.00
CA SER D 35 -7.78 10.23 -10.22
C SER D 35 -6.48 10.21 -9.44
N SER D 36 -6.48 9.42 -8.38
CA SER D 36 -5.28 9.25 -7.56
C SER D 36 -4.31 8.39 -8.36
N ASP D 37 -4.82 7.66 -9.35
CA ASP D 37 -4.01 6.80 -10.21
C ASP D 37 -4.35 7.16 -11.66
N ARG D 38 -3.47 7.93 -12.30
CA ARG D 38 -3.67 8.36 -13.67
C ARG D 38 -4.00 7.26 -14.67
N SER D 39 -3.39 6.10 -14.51
CA SER D 39 -3.63 5.00 -15.43
C SER D 39 -5.11 4.61 -15.51
N LEU D 40 -5.85 4.85 -14.43
CA LEU D 40 -7.26 4.52 -14.41
C LEU D 40 -8.09 5.35 -15.35
N ILE D 41 -7.62 6.56 -15.67
CA ILE D 41 -8.39 7.43 -16.55
C ILE D 41 -7.70 7.76 -17.88
N GLU D 42 -6.52 7.17 -18.11
CA GLU D 42 -5.81 7.38 -19.35
C GLU D 42 -6.34 6.36 -20.35
N GLU D 43 -5.82 6.42 -21.57
CA GLU D 43 -6.22 5.50 -22.63
C GLU D 43 -6.24 4.07 -22.11
N GLU D 44 -7.31 3.35 -22.41
CA GLU D 44 -7.49 1.96 -22.01
C GLU D 44 -7.71 1.76 -20.51
N GLY D 45 -7.87 2.86 -19.79
CA GLY D 45 -8.09 2.78 -18.35
C GLY D 45 -9.53 2.38 -18.04
N PRO D 46 -9.75 1.62 -16.97
CA PRO D 46 -11.10 1.19 -16.60
C PRO D 46 -12.09 2.31 -16.30
N PHE D 47 -11.58 3.49 -15.93
CA PHE D 47 -12.48 4.60 -15.62
C PHE D 47 -12.52 5.69 -16.68
N ARG D 48 -11.95 5.42 -17.85
CA ARG D 48 -11.99 6.39 -18.93
C ARG D 48 -13.25 6.07 -19.72
N ASN D 49 -14.39 6.44 -19.12
CA ASN D 49 -15.69 6.21 -19.72
C ASN D 49 -16.33 7.59 -19.87
N PHE D 50 -17.09 7.76 -20.93
CA PHE D 50 -17.73 9.03 -21.22
C PHE D 50 -19.23 8.90 -21.08
N ILE D 51 -19.77 9.58 -20.07
CA ILE D 51 -21.20 9.52 -19.80
C ILE D 51 -21.99 10.12 -20.96
N GLN D 52 -23.16 9.52 -21.21
CA GLN D 52 -24.04 9.99 -22.27
C GLN D 52 -25.38 10.35 -21.65
N ASN D 53 -25.87 9.52 -20.74
CA ASN D 53 -27.16 9.76 -20.11
C ASN D 53 -27.28 9.07 -18.76
N ILE D 54 -28.10 9.66 -17.89
CA ILE D 54 -28.35 9.11 -16.56
C ILE D 54 -29.86 9.11 -16.38
N THR D 55 -30.39 7.94 -16.06
CA THR D 55 -31.83 7.79 -15.84
C THR D 55 -32.04 7.32 -14.42
N VAL D 56 -32.88 8.02 -13.68
CA VAL D 56 -33.16 7.67 -12.30
C VAL D 56 -34.37 6.74 -12.22
N GLU D 57 -34.16 5.55 -11.68
CA GLU D 57 -35.22 4.57 -11.55
C GLU D 57 -35.22 3.99 -10.14
N SER D 58 -36.34 4.14 -9.44
CA SER D 58 -36.47 3.63 -8.07
C SER D 58 -35.33 4.14 -7.20
N GLY D 59 -34.91 5.39 -7.43
CA GLY D 59 -33.84 5.96 -6.64
C GLY D 59 -32.45 5.58 -7.11
N ASN D 60 -32.37 4.58 -7.99
CA ASN D 60 -31.08 4.13 -8.50
C ASN D 60 -30.68 4.95 -9.73
N LEU D 61 -29.38 5.00 -10.01
CA LEU D 61 -28.91 5.74 -11.17
C LEU D 61 -28.46 4.80 -12.28
N ASN D 62 -29.22 4.78 -13.38
CA ASN D 62 -28.87 3.94 -14.51
C ASN D 62 -28.07 4.78 -15.48
N GLY D 63 -26.77 4.52 -15.55
CA GLY D 63 -25.92 5.28 -16.45
C GLY D 63 -25.56 4.59 -17.74
N PHE D 64 -25.50 5.36 -18.80
CA PHE D 64 -25.11 4.87 -20.12
C PHE D 64 -23.86 5.66 -20.49
N PHE D 65 -22.76 4.93 -20.67
CA PHE D 65 -21.47 5.50 -21.03
C PHE D 65 -20.93 4.89 -22.31
N LEU D 66 -19.91 5.52 -22.86
CA LEU D 66 -19.22 5.02 -24.04
C LEU D 66 -17.79 4.79 -23.57
N THR D 67 -17.16 3.75 -24.10
CA THR D 67 -15.78 3.43 -23.78
C THR D 67 -15.05 3.15 -25.08
N ARG D 68 -13.80 3.58 -25.17
CA ARG D 68 -12.98 3.38 -26.37
C ARG D 68 -12.29 2.02 -26.29
N LYS D 69 -12.65 1.13 -27.21
CA LYS D 69 -12.05 -0.21 -27.22
C LYS D 69 -11.77 -0.70 -28.64
N ASN D 70 -10.50 -0.98 -28.91
CA ASN D 70 -10.07 -1.47 -30.21
C ASN D 70 -10.49 -0.59 -31.38
N GLY D 71 -10.53 0.73 -31.15
CA GLY D 71 -10.90 1.64 -32.21
C GLY D 71 -12.32 2.18 -32.19
N GLN D 72 -13.27 1.36 -31.79
CA GLN D 72 -14.67 1.80 -31.74
C GLN D 72 -15.16 2.16 -30.35
N CYS D 73 -16.27 2.88 -30.30
CA CYS D 73 -16.88 3.30 -29.06
C CYS D 73 -17.95 2.28 -28.65
N ILE D 74 -17.62 1.48 -27.64
CA ILE D 74 -18.55 0.46 -27.16
C ILE D 74 -19.42 0.97 -26.02
N PRO D 75 -20.71 0.63 -26.03
CA PRO D 75 -21.63 1.05 -24.97
C PRO D 75 -21.32 0.37 -23.64
N LEU D 76 -21.57 1.09 -22.55
CA LEU D 76 -21.34 0.58 -21.21
C LEU D 76 -22.51 1.03 -20.35
N TYR D 77 -23.26 0.06 -19.83
CA TYR D 77 -24.43 0.35 -19.00
C TYR D 77 -24.15 -0.08 -17.57
N LEU D 78 -24.33 0.85 -16.63
CA LEU D 78 -24.09 0.54 -15.23
C LEU D 78 -25.22 1.09 -14.39
N THR D 79 -25.37 0.55 -13.18
CA THR D 79 -26.40 1.02 -12.28
C THR D 79 -25.78 1.27 -10.91
N ALA D 80 -25.93 2.50 -10.42
CA ALA D 80 -25.42 2.86 -9.10
C ALA D 80 -26.66 2.79 -8.20
N PHE D 81 -26.66 1.81 -7.31
CA PHE D 81 -27.80 1.63 -6.40
C PHE D 81 -27.78 2.56 -5.21
N LYS D 82 -28.96 3.06 -4.85
CA LYS D 82 -29.08 3.97 -3.71
C LYS D 82 -28.74 3.28 -2.40
N THR D 83 -28.43 4.08 -1.39
CA THR D 83 -28.11 3.56 -0.07
C THR D 83 -29.00 4.25 0.95
N GLU D 84 -28.80 3.94 2.23
CA GLU D 84 -29.59 4.55 3.29
C GLU D 84 -29.23 6.04 3.40
N GLU D 85 -28.07 6.40 2.85
CA GLU D 85 -27.60 7.77 2.88
C GLU D 85 -27.87 8.49 1.56
N ALA D 86 -28.43 9.68 1.64
CA ALA D 86 -28.73 10.45 0.44
C ALA D 86 -27.44 10.77 -0.31
N ARG D 87 -27.57 10.93 -1.62
CA ARG D 87 -26.45 11.25 -2.51
C ARG D 87 -25.31 10.24 -2.49
N GLN D 88 -25.48 9.12 -1.80
CA GLN D 88 -24.46 8.09 -1.76
C GLN D 88 -25.02 6.85 -2.46
N PHE D 89 -24.21 6.25 -3.33
CA PHE D 89 -24.63 5.08 -4.09
C PHE D 89 -23.57 3.99 -4.05
N LYS D 90 -23.96 2.78 -4.43
CA LYS D 90 -23.03 1.66 -4.47
C LYS D 90 -22.99 1.17 -5.91
N LEU D 91 -21.77 0.92 -6.41
CA LEU D 91 -21.59 0.46 -7.78
C LEU D 91 -20.61 -0.70 -7.89
N ASN D 92 -21.01 -1.75 -8.59
CA ASN D 92 -20.14 -2.89 -8.82
C ASN D 92 -19.49 -2.70 -10.19
N TYR D 93 -18.22 -2.34 -10.17
CA TYR D 93 -17.45 -2.10 -11.39
C TYR D 93 -15.98 -2.00 -11.01
N TYR D 94 -15.15 -2.79 -11.67
CA TYR D 94 -13.71 -2.82 -11.39
C TYR D 94 -13.54 -2.97 -9.89
N GLY D 95 -14.32 -3.89 -9.32
CA GLY D 95 -14.31 -4.11 -7.89
C GLY D 95 -15.59 -3.50 -7.36
N THR D 96 -15.53 -2.88 -6.19
CA THR D 96 -16.70 -2.23 -5.64
C THR D 96 -16.41 -0.74 -5.52
N ASN D 97 -17.46 0.08 -5.49
CA ASN D 97 -17.29 1.52 -5.41
C ASN D 97 -18.31 2.20 -4.53
N ASP D 98 -17.86 3.16 -3.73
CA ASP D 98 -18.78 3.96 -2.95
C ASP D 98 -18.79 5.23 -3.80
N VAL D 99 -19.98 5.62 -4.25
CA VAL D 99 -20.12 6.78 -5.11
C VAL D 99 -20.86 7.92 -4.43
N TYR D 100 -20.28 9.11 -4.47
CA TYR D 100 -20.91 10.28 -3.86
C TYR D 100 -21.20 11.35 -4.90
N TYR D 101 -22.42 11.87 -4.86
CA TYR D 101 -22.83 12.93 -5.77
C TYR D 101 -22.83 14.28 -5.06
N GLU D 102 -22.40 15.32 -5.78
CA GLU D 102 -22.34 16.68 -5.25
C GLU D 102 -22.57 17.67 -6.40
N SER D 103 -23.19 18.81 -6.08
CA SER D 103 -23.41 19.87 -7.05
C SER D 103 -24.11 21.06 -6.44
N SER D 104 -23.53 22.24 -6.63
CA SER D 104 -24.10 23.48 -6.13
C SER D 104 -25.05 24.03 -7.19
N LYS D 105 -24.88 23.55 -8.42
CA LYS D 105 -25.71 23.97 -9.55
C LYS D 105 -26.13 22.68 -10.27
N PRO D 106 -27.07 21.94 -9.68
CA PRO D 106 -27.60 20.67 -10.20
C PRO D 106 -28.05 20.62 -11.65
N ASN D 107 -28.44 21.76 -12.22
CA ASN D 107 -28.90 21.78 -13.61
C ASN D 107 -27.78 22.19 -14.56
N GLU D 108 -26.65 22.59 -14.00
CA GLU D 108 -25.51 23.01 -14.80
C GLU D 108 -24.41 21.95 -14.83
N TYR D 109 -24.18 21.29 -13.69
CA TYR D 109 -23.13 20.28 -13.64
C TYR D 109 -23.40 19.24 -12.56
N ALA D 110 -22.66 18.14 -12.64
CA ALA D 110 -22.75 17.08 -11.65
C ALA D 110 -21.34 16.61 -11.35
N LYS D 111 -21.06 16.40 -10.07
CA LYS D 111 -19.76 15.90 -9.65
C LYS D 111 -19.99 14.56 -8.99
N PHE D 112 -19.26 13.55 -9.45
CA PHE D 112 -19.37 12.23 -8.87
C PHE D 112 -18.00 11.79 -8.40
N ILE D 113 -17.90 11.43 -7.13
CA ILE D 113 -16.64 10.96 -6.59
C ILE D 113 -16.78 9.47 -6.37
N PHE D 114 -15.85 8.72 -6.96
CA PHE D 114 -15.84 7.27 -6.83
C PHE D 114 -14.72 6.84 -5.91
N TYR D 115 -15.05 6.07 -4.90
CA TYR D 115 -14.05 5.51 -4.02
C TYR D 115 -14.07 4.05 -4.48
N ASN D 116 -13.05 3.70 -5.25
CA ASN D 116 -12.94 2.37 -5.82
C ASN D 116 -12.09 1.43 -4.98
N TYR D 117 -12.62 0.24 -4.72
CA TYR D 117 -11.90 -0.77 -3.95
C TYR D 117 -11.60 -1.88 -4.94
N HIS D 118 -10.32 -2.04 -5.29
CA HIS D 118 -9.89 -3.05 -6.23
C HIS D 118 -8.71 -3.83 -5.69
N ASP D 119 -8.89 -5.14 -5.53
CA ASP D 119 -7.84 -6.00 -5.01
C ASP D 119 -7.27 -5.47 -3.70
N GLY D 120 -8.15 -4.98 -2.82
CA GLY D 120 -7.73 -4.47 -1.54
C GLY D 120 -7.14 -3.06 -1.53
N LYS D 121 -7.03 -2.44 -2.70
CA LYS D 121 -6.48 -1.09 -2.80
C LYS D 121 -7.59 -0.08 -3.05
N VAL D 122 -7.42 1.10 -2.46
CA VAL D 122 -8.41 2.16 -2.62
C VAL D 122 -7.90 3.24 -3.57
N ASN D 123 -8.77 3.69 -4.46
CA ASN D 123 -8.42 4.76 -5.37
C ASN D 123 -9.61 5.67 -5.46
N VAL D 124 -9.34 6.92 -5.78
CA VAL D 124 -10.41 7.89 -5.92
C VAL D 124 -10.43 8.35 -7.37
N VAL D 125 -11.63 8.41 -7.93
CA VAL D 125 -11.82 8.86 -9.29
C VAL D 125 -12.92 9.91 -9.20
N ALA D 126 -12.61 11.11 -9.64
CA ALA D 126 -13.58 12.21 -9.60
C ALA D 126 -14.02 12.50 -11.02
N ASN D 127 -15.33 12.67 -11.19
CA ASN D 127 -15.90 12.95 -12.50
C ASN D 127 -16.66 14.26 -12.49
N LEU D 128 -16.43 15.12 -13.48
CA LEU D 128 -17.17 16.37 -13.59
C LEU D 128 -17.97 16.30 -14.90
N PHE D 129 -19.29 16.33 -14.77
CA PHE D 129 -20.18 16.25 -15.93
C PHE D 129 -20.85 17.59 -16.21
N GLY D 130 -21.03 17.89 -17.49
CA GLY D 130 -21.71 19.10 -17.90
C GLY D 130 -22.89 18.77 -18.80
N ARG D 131 -23.81 19.71 -18.95
CA ARG D 131 -24.97 19.51 -19.82
C ARG D 131 -24.53 19.49 -21.28
N THR D 132 -23.39 20.14 -21.53
CA THR D 132 -22.80 20.21 -22.86
C THR D 132 -21.33 19.75 -22.76
N PRO D 133 -20.62 19.63 -23.89
CA PRO D 133 -19.21 19.19 -23.89
C PRO D 133 -18.21 19.93 -23.02
N ASN D 134 -18.53 21.16 -22.64
CA ASN D 134 -17.59 21.93 -21.82
C ASN D 134 -18.32 22.60 -20.66
N LEU D 135 -17.54 23.11 -19.70
CA LEU D 135 -18.11 23.80 -18.55
C LEU D 135 -17.34 25.08 -18.31
N SER D 136 -17.96 26.00 -17.56
CA SER D 136 -17.34 27.27 -17.26
C SER D 136 -15.97 27.07 -16.61
N ASN D 137 -15.07 27.99 -16.88
CA ASN D 137 -13.73 27.96 -16.33
C ASN D 137 -13.81 28.00 -14.80
N GLU D 138 -14.80 28.71 -14.27
CA GLU D 138 -14.98 28.82 -12.83
C GLU D 138 -15.28 27.47 -12.22
N ILE D 139 -16.22 26.74 -12.82
CA ILE D 139 -16.60 25.42 -12.33
C ILE D 139 -15.43 24.44 -12.44
N LYS D 140 -14.76 24.43 -13.59
CA LYS D 140 -13.64 23.54 -13.78
C LYS D 140 -12.50 23.86 -12.82
N LYS D 141 -12.23 25.16 -12.61
CA LYS D 141 -11.16 25.57 -11.71
C LYS D 141 -11.40 25.08 -10.28
N ARG D 142 -12.62 25.24 -9.79
CA ARG D 142 -12.95 24.81 -8.43
C ARG D 142 -12.78 23.30 -8.30
N PHE D 143 -13.28 22.55 -9.28
CA PHE D 143 -13.18 21.10 -9.28
C PHE D 143 -11.71 20.68 -9.26
N GLU D 144 -10.93 21.31 -10.13
CA GLU D 144 -9.51 20.98 -10.20
C GLU D 144 -8.75 21.35 -8.93
N GLU D 145 -9.01 22.52 -8.38
CA GLU D 145 -8.33 22.93 -7.16
C GLU D 145 -8.74 22.05 -5.97
N ASP D 146 -10.01 21.65 -5.92
CA ASP D 146 -10.46 20.81 -4.82
C ASP D 146 -9.72 19.48 -4.87
N PHE D 147 -9.47 18.98 -6.08
CA PHE D 147 -8.75 17.74 -6.25
C PHE D 147 -7.30 17.92 -5.80
N MET D 148 -6.63 18.94 -6.32
CA MET D 148 -5.23 19.19 -5.96
C MET D 148 -5.04 19.52 -4.49
N ASN D 149 -6.03 20.15 -3.86
CA ASN D 149 -5.94 20.52 -2.45
C ASN D 149 -5.89 19.31 -1.54
N ARG D 150 -6.27 18.15 -2.07
CA ARG D 150 -6.25 16.94 -1.28
C ARG D 150 -4.90 16.24 -1.36
N GLY D 151 -3.97 16.84 -2.09
CA GLY D 151 -2.64 16.28 -2.20
C GLY D 151 -2.29 15.59 -3.50
N PHE D 152 -2.94 15.98 -4.59
CA PHE D 152 -2.67 15.37 -5.88
C PHE D 152 -2.11 16.38 -6.87
N ARG D 153 -1.34 15.88 -7.83
CA ARG D 153 -0.71 16.70 -8.85
C ARG D 153 -1.64 17.07 -10.00
N ARG D 154 -1.37 18.22 -10.62
CA ARG D 154 -2.16 18.71 -11.73
C ARG D 154 -2.19 17.72 -12.89
N GLU D 155 -1.12 16.95 -13.04
CA GLU D 155 -1.03 15.97 -14.12
C GLU D 155 -2.03 14.82 -13.98
N ASN D 156 -2.63 14.69 -12.80
CA ASN D 156 -3.61 13.64 -12.57
C ASN D 156 -5.03 14.08 -12.91
N ILE D 157 -5.12 15.26 -13.51
CA ILE D 157 -6.41 15.82 -13.93
C ILE D 157 -6.41 15.83 -15.46
N LEU D 158 -7.48 15.29 -16.04
CA LEU D 158 -7.59 15.26 -17.50
C LEU D 158 -8.86 15.99 -17.93
N ASP D 159 -8.69 17.16 -18.53
CA ASP D 159 -9.81 17.93 -19.04
C ASP D 159 -10.02 17.36 -20.44
N ILE D 160 -11.08 16.58 -20.64
CA ILE D 160 -11.30 16.00 -21.95
C ILE D 160 -12.19 16.82 -22.87
N SER D 161 -12.57 18.02 -22.42
CA SER D 161 -13.40 18.88 -23.24
C SER D 161 -12.62 19.31 -24.47
N GLU D 162 -11.30 19.22 -24.37
CA GLU D 162 -10.40 19.62 -25.44
C GLU D 162 -9.86 18.40 -26.18
N VAL D 163 -10.55 17.26 -26.04
CA VAL D 163 -10.14 16.03 -26.69
C VAL D 163 -11.25 15.41 -27.52
N ASP D 164 -10.88 14.84 -28.67
CA ASP D 164 -11.85 14.20 -29.55
C ASP D 164 -12.10 12.79 -29.03
N HIS D 165 -13.14 12.65 -28.22
CA HIS D 165 -13.48 11.36 -27.63
C HIS D 165 -14.89 10.91 -28.00
N CYS D 166 -15.26 9.71 -27.54
CA CYS D 166 -16.58 9.15 -27.82
C CYS D 166 -17.70 10.05 -27.31
ZN ZN E . 21.40 0.61 -27.20
CL CL F . 21.15 2.63 -28.25
CL CL G . 21.39 -0.96 -28.73
C8 ETY H . 19.73 -0.73 -11.59
C7 ETY H . 20.88 -0.97 -10.60
CG ETY H . 21.69 0.27 -10.33
C3 ETY H . 21.23 1.26 -9.44
C2 ETY H . 21.97 2.42 -9.17
C5 ETY H . 22.95 0.47 -10.97
C6 ETY H . 23.71 1.63 -10.72
C1 ETY H . 23.22 2.60 -9.82
O1 ETY H . 23.96 3.73 -9.57
C1 IPA I . 17.20 3.45 -10.14
C2 IPA I . 15.99 2.57 -10.09
C3 IPA I . 16.63 1.56 -10.99
O2 IPA I . 14.79 3.17 -10.61
C1 IPA J . 12.91 -12.00 -7.94
C2 IPA J . 12.08 -10.84 -8.31
C3 IPA J . 11.80 -10.52 -6.87
O2 IPA J . 10.91 -11.16 -9.10
ZN ZN K . 21.57 -23.66 23.57
ZN ZN L . 0.24 -5.51 9.90
CL CL M . 23.34 -22.94 24.66
CL CL N . 20.32 -24.97 25.01
CL CL O . -0.49 -4.25 7.90
C8 ETY P . 15.56 -18.65 9.90
C7 ETY P . 16.09 -19.17 8.56
CG ETY P . 15.53 -20.52 8.17
C3 ETY P . 14.22 -20.63 7.62
C2 ETY P . 13.69 -21.88 7.26
C5 ETY P . 16.29 -21.71 8.34
C6 ETY P . 15.77 -22.97 7.98
C1 ETY P . 14.46 -23.05 7.44
O1 ETY P . 13.96 -24.27 7.07
C1 IPA Q . 17.11 -5.77 6.76
C2 IPA Q . 18.07 -5.24 7.77
C3 IPA Q . 19.24 -5.88 7.07
O2 IPA Q . 17.85 -5.71 9.12
C1 IPA R . 9.41 -18.68 9.89
C2 IPA R . 10.34 -17.72 10.55
C3 IPA R . 11.53 -18.52 10.13
O2 IPA R . 10.18 -17.61 11.98
ZN ZN S . -17.44 5.78 29.06
CL CL T . -19.07 4.46 29.71
CL CL U . -15.91 5.98 30.78
C8 ETY V . -13.95 10.48 14.39
C7 ETY V . -14.51 11.74 13.72
CG ETY V . -13.90 13.02 14.20
C3 ETY V . -12.64 13.47 13.71
C2 ETY V . -12.07 14.67 14.17
C5 ETY V . -14.56 13.82 15.18
C6 ETY V . -14.00 15.02 15.64
C1 ETY V . -12.75 15.44 15.13
O1 ETY V . -12.19 16.61 15.58
C1 IPA W . -9.14 10.91 14.00
C2 IPA W . -9.01 9.49 13.59
C3 IPA W . -10.40 9.18 14.04
O2 IPA W . -7.98 8.75 14.26
C1 IPA X . -16.17 2.01 4.43
C2 IPA X . -16.96 0.89 5.02
C3 IPA X . -18.23 1.71 4.98
O2 IPA X . -16.55 0.49 6.34
ZN ZN Y . -24.91 17.11 -25.55
ZN ZN Z . -1.90 1.93 -11.00
CL CL AA . -24.96 16.18 -27.65
CL CL BA . -25.03 19.31 -25.82
C8 ETY CA . -20.96 8.73 -12.78
C7 ETY CA . -21.89 8.20 -11.69
CG ETY CA . -22.70 7.00 -12.10
C3 ETY CA . -22.16 5.69 -11.99
C2 ETY CA . -22.92 4.56 -12.37
C5 ETY CA . -24.02 7.15 -12.61
C6 ETY CA . -24.78 6.02 -12.99
C1 ETY CA . -24.22 4.73 -12.87
O1 ETY CA . -24.96 3.64 -13.24
C1 IPA DA . -13.18 16.04 -4.06
C2 IPA DA . -12.63 15.09 -5.06
C3 IPA DA . -12.32 14.08 -4.00
O2 IPA DA . -11.47 15.59 -5.78
C1 IPA EA . -18.50 4.67 -14.19
C2 IPA EA . -17.23 5.44 -14.16
C3 IPA EA . -17.96 6.75 -14.16
O2 IPA EA . -16.38 5.26 -15.32
#